data_5GXB
#
_entry.id   5GXB
#
_cell.length_a   96.543
_cell.length_b   96.543
_cell.length_c   145.025
_cell.angle_alpha   90.00
_cell.angle_beta   90.00
_cell.angle_gamma   90.00
#
_symmetry.space_group_name_H-M   'P 4 21 2'
#
loop_
_entity.id
_entity.type
_entity.pdbx_description
1 polymer 'Lactose permease'
2 polymer nanobody
#
loop_
_entity_poly.entity_id
_entity_poly.type
_entity_poly.pdbx_seq_one_letter_code
_entity_poly.pdbx_strand_id
1 'polypeptide(L)'
;MYYLKNTNFWMFGLFFFFYFFIMGAYFPFFPIWLHDINHISKSDTWIIFAAISLFSLLFQPLFGLLSDKLGLRKYLLWII
TGMLVMFAPFFIFIFGPLLQYNILVGSIVGGIYLGFCFNAGAPAVEAFIEKVSRRSNFEFGRARMFGCVGWALCASIVGI
MFTINNQFVFWLGSGCALILAVLLFFAKTDAPSSATVANAVGANHSAFSLKLALELFRQPKLWFLSLYVIGVSCTYDVFD
QQFANFFTSFFATGEQGTRVFWYVTTMGELLNASIMFFAPLIINRIGGKNALLLAGTIMSVRIIGSSFATSALEVVILKT
LHMFEVPFLLVGCFKYITSQFEVRFSATIYLVCFCFFKQLAMIFMSVLAGNMYESIGFQGAYLVLGLVALGFTLISVFTL
SGPGPLSLLRRQVNEVAHHHHHH
;
A
2 'polypeptide(L)'
;MQVQLVESGGRLVQAGDSLRLSCAASGRTFTTYLMGWFRQAPGKEREFVAAIRWSGGSTYYADSVKGRFTISRDNAKNTV
YLQMNSLKLEDTAVYYCAAAARPSYSGDYGYTEALRYDYWGQGTQVTVSSHHHHHHEPEA
;
B
#
# COMPACT_ATOMS: atom_id res chain seq x y z
N ASN A 6 14.25 32.39 -5.15
CA ASN A 6 15.44 31.62 -4.80
C ASN A 6 15.76 30.60 -5.89
N THR A 7 17.04 30.50 -6.26
CA THR A 7 17.44 29.77 -7.46
C THR A 7 17.19 28.27 -7.38
N ASN A 8 17.80 27.61 -6.38
CA ASN A 8 17.67 26.17 -6.23
C ASN A 8 16.29 25.69 -5.80
N PHE A 9 15.66 26.42 -4.88
CA PHE A 9 14.37 26.02 -4.35
C PHE A 9 13.33 25.77 -5.44
N TRP A 10 13.18 26.73 -6.35
CA TRP A 10 12.14 26.64 -7.36
C TRP A 10 12.46 25.61 -8.45
N MET A 11 13.74 25.44 -8.77
CA MET A 11 14.14 24.47 -9.77
C MET A 11 14.01 23.03 -9.26
N PHE A 12 14.62 22.75 -8.12
CA PHE A 12 14.54 21.40 -7.55
C PHE A 12 13.20 21.12 -6.88
N GLY A 13 12.42 22.17 -6.65
CA GLY A 13 11.07 22.00 -6.13
C GLY A 13 10.16 21.53 -7.26
N LEU A 14 10.38 22.09 -8.44
CA LEU A 14 9.65 21.67 -9.63
C LEU A 14 10.20 20.35 -10.15
N PHE A 15 11.45 20.06 -9.80
CA PHE A 15 12.06 18.78 -10.14
C PHE A 15 11.31 17.62 -9.50
N PHE A 16 11.02 17.76 -8.20
CA PHE A 16 10.18 16.78 -7.51
C PHE A 16 8.81 16.67 -8.16
N PHE A 17 8.26 17.82 -8.55
CA PHE A 17 6.93 17.86 -9.16
C PHE A 17 6.81 16.99 -10.41
N PHE A 18 7.82 17.06 -11.28
CA PHE A 18 7.76 16.34 -12.55
C PHE A 18 8.34 14.94 -12.41
N TYR A 19 9.23 14.75 -11.44
CA TYR A 19 9.77 13.42 -11.18
C TYR A 19 8.71 12.45 -10.66
N PHE A 20 7.96 12.89 -9.66
CA PHE A 20 6.97 12.03 -9.02
C PHE A 20 5.68 11.97 -9.83
N PHE A 21 5.50 12.94 -10.71
CA PHE A 21 4.45 12.87 -11.72
C PHE A 21 4.69 11.63 -12.57
N ILE A 22 5.96 11.40 -12.90
CA ILE A 22 6.32 10.26 -13.73
C ILE A 22 6.33 8.96 -12.94
N MET A 23 6.45 9.06 -11.64
CA MET A 23 6.14 7.88 -10.92
C MET A 23 4.64 7.68 -11.09
N GLY A 24 3.89 8.75 -11.28
CA GLY A 24 2.46 8.66 -11.42
C GLY A 24 2.08 7.62 -12.44
N ALA A 25 2.61 7.76 -13.63
CA ALA A 25 2.29 6.83 -14.70
C ALA A 25 2.65 5.40 -14.37
N TYR A 26 3.74 5.27 -13.64
CA TYR A 26 4.33 4.00 -13.31
C TYR A 26 3.68 3.37 -12.07
N PHE A 27 3.62 4.12 -10.98
CA PHE A 27 3.16 3.58 -9.71
C PHE A 27 1.80 2.85 -9.69
N PRO A 28 0.66 3.63 -9.91
CA PRO A 28 -0.59 2.87 -9.76
C PRO A 28 -1.10 2.30 -11.07
N PHE A 29 -0.37 2.58 -12.14
CA PHE A 29 -0.83 2.31 -13.49
C PHE A 29 -0.16 1.06 -14.07
N PHE A 30 1.12 0.89 -13.74
CA PHE A 30 1.91 -0.24 -14.19
C PHE A 30 1.21 -1.61 -14.06
N PRO A 31 0.67 -1.90 -12.80
CA PRO A 31 0.03 -3.24 -12.73
C PRO A 31 -1.13 -3.36 -13.72
N ILE A 32 -1.82 -2.26 -13.95
CA ILE A 32 -2.89 -2.21 -14.93
C ILE A 32 -2.36 -2.44 -16.34
N TRP A 33 -1.22 -1.88 -16.66
CA TRP A 33 -0.80 -2.01 -18.03
C TRP A 33 -0.28 -3.45 -18.34
N LEU A 34 0.20 -4.16 -17.33
CA LEU A 34 0.43 -5.59 -17.46
C LEU A 34 -0.90 -6.34 -17.48
N HIS A 35 -1.84 -5.88 -16.67
CA HIS A 35 -3.12 -6.57 -16.49
C HIS A 35 -3.94 -6.50 -17.78
N ASP A 36 -4.23 -5.29 -18.22
CA ASP A 36 -5.13 -5.06 -19.36
C ASP A 36 -4.42 -4.98 -20.71
N ILE A 37 -3.43 -4.10 -20.82
CA ILE A 37 -2.88 -3.74 -22.13
C ILE A 37 -1.82 -4.71 -22.64
N ASN A 38 -1.37 -5.62 -21.81
CA ASN A 38 -0.48 -6.64 -22.32
C ASN A 38 -1.01 -8.02 -21.97
N HIS A 39 -2.25 -8.06 -21.55
CA HIS A 39 -2.94 -9.31 -21.27
C HIS A 39 -2.12 -10.33 -20.52
N ILE A 40 -0.95 -9.94 -20.03
CA ILE A 40 -0.12 -10.85 -19.25
C ILE A 40 -0.97 -11.44 -18.16
N SER A 41 -0.57 -12.57 -17.61
CA SER A 41 -1.40 -13.20 -16.61
C SER A 41 -0.92 -12.83 -15.26
N LYS A 42 -1.85 -12.72 -14.32
CA LYS A 42 -1.52 -12.40 -12.94
C LYS A 42 -0.52 -13.42 -12.40
N SER A 43 -0.27 -14.47 -13.18
CA SER A 43 0.66 -15.49 -12.79
C SER A 43 2.04 -15.17 -13.35
N ASP A 44 2.13 -14.08 -14.11
CA ASP A 44 3.38 -13.68 -14.69
C ASP A 44 3.81 -12.39 -14.06
N THR A 45 2.88 -11.62 -13.54
CA THR A 45 3.26 -10.34 -12.96
C THR A 45 3.87 -10.48 -11.57
N TRP A 46 3.77 -11.69 -11.04
CA TRP A 46 4.32 -11.99 -9.73
C TRP A 46 5.75 -12.37 -9.82
N ILE A 47 6.27 -12.40 -11.01
CA ILE A 47 7.69 -12.60 -11.22
C ILE A 47 8.30 -11.31 -11.64
N ILE A 48 7.58 -10.57 -12.44
CA ILE A 48 8.13 -9.27 -12.86
C ILE A 48 8.52 -8.42 -11.67
N PHE A 49 7.67 -8.31 -10.68
CA PHE A 49 7.99 -7.55 -9.50
C PHE A 49 9.13 -8.20 -8.78
N ALA A 50 9.26 -9.51 -8.93
CA ALA A 50 10.30 -10.24 -8.21
C ALA A 50 11.68 -9.91 -8.76
N ALA A 51 11.71 -9.24 -9.92
CA ALA A 51 12.96 -8.86 -10.54
C ALA A 51 13.24 -7.37 -10.37
N ILE A 52 12.19 -6.57 -10.48
CA ILE A 52 12.31 -5.12 -10.34
C ILE A 52 12.95 -4.76 -9.00
N SER A 53 12.82 -5.65 -8.02
CA SER A 53 13.38 -5.42 -6.69
C SER A 53 14.80 -5.97 -6.60
N LEU A 54 15.02 -7.14 -7.21
CA LEU A 54 16.33 -7.77 -7.19
C LEU A 54 17.42 -6.81 -7.61
N PHE A 55 17.26 -6.23 -8.80
CA PHE A 55 18.23 -5.27 -9.32
C PHE A 55 18.41 -4.09 -8.37
N SER A 56 17.29 -3.56 -7.89
CA SER A 56 17.33 -2.42 -6.97
C SER A 56 18.25 -2.69 -5.80
N LEU A 57 18.32 -3.95 -5.37
CA LEU A 57 19.17 -4.34 -4.26
C LEU A 57 20.64 -4.08 -4.56
N LEU A 58 20.99 -3.99 -5.84
CA LEU A 58 22.37 -3.69 -6.16
C LEU A 58 22.51 -2.34 -6.79
N PHE A 59 21.43 -1.63 -6.90
CA PHE A 59 21.47 -0.23 -7.31
C PHE A 59 21.43 0.71 -6.11
N GLN A 60 20.65 0.35 -5.10
CA GLN A 60 20.43 1.27 -3.98
C GLN A 60 21.70 1.60 -3.18
N PRO A 61 22.50 0.60 -2.81
CA PRO A 61 23.75 0.91 -2.14
C PRO A 61 24.72 1.55 -3.12
N LEU A 62 24.72 1.02 -4.34
CA LEU A 62 25.58 1.50 -5.40
C LEU A 62 25.30 2.95 -5.71
N PHE A 63 24.04 3.36 -5.58
CA PHE A 63 23.67 4.74 -5.83
C PHE A 63 24.04 5.63 -4.66
N GLY A 64 24.19 5.01 -3.49
CA GLY A 64 24.50 5.77 -2.29
C GLY A 64 25.94 6.23 -2.29
N LEU A 65 26.85 5.33 -2.65
CA LEU A 65 28.27 5.69 -2.68
C LEU A 65 28.58 6.72 -3.77
N LEU A 66 27.99 6.53 -4.95
CA LEU A 66 28.14 7.50 -6.03
C LEU A 66 27.55 8.86 -5.71
N SER A 67 26.42 8.84 -5.00
CA SER A 67 25.67 10.06 -4.77
C SER A 67 26.42 10.91 -3.75
N ASP A 68 27.35 10.28 -3.04
CA ASP A 68 28.27 10.98 -2.15
C ASP A 68 29.59 11.33 -2.84
N LYS A 69 30.15 10.39 -3.59
CA LYS A 69 31.43 10.62 -4.26
C LYS A 69 31.31 11.76 -5.27
N LEU A 70 30.17 11.82 -5.95
CA LEU A 70 29.89 12.95 -6.85
C LEU A 70 29.60 14.21 -6.07
N GLY A 71 29.13 14.05 -4.83
CA GLY A 71 28.78 15.19 -4.02
C GLY A 71 27.66 15.96 -4.68
N LEU A 72 27.95 17.19 -5.06
CA LEU A 72 26.95 18.07 -5.66
C LEU A 72 27.07 18.08 -7.17
N ARG A 73 27.91 17.19 -7.71
CA ARG A 73 27.99 17.02 -9.15
C ARG A 73 26.73 16.31 -9.64
N LYS A 74 26.23 16.75 -10.78
CA LYS A 74 24.91 16.35 -11.24
C LYS A 74 24.91 15.17 -12.19
N TYR A 75 26.05 14.48 -12.30
CA TYR A 75 26.22 13.43 -13.30
C TYR A 75 25.24 12.27 -13.14
N LEU A 76 25.06 11.84 -11.89
CA LEU A 76 24.22 10.69 -11.57
C LEU A 76 22.74 11.02 -11.76
N LEU A 77 22.40 12.28 -11.59
CA LEU A 77 21.02 12.71 -11.76
C LEU A 77 20.74 12.98 -13.24
N TRP A 78 21.81 13.16 -14.01
CA TRP A 78 21.70 13.28 -15.46
C TRP A 78 21.37 11.95 -16.11
N ILE A 79 21.96 10.90 -15.58
CA ILE A 79 21.70 9.55 -16.06
C ILE A 79 20.23 9.19 -15.86
N ILE A 80 19.73 9.47 -14.66
CA ILE A 80 18.35 9.19 -14.32
C ILE A 80 17.40 9.96 -15.21
N THR A 81 17.66 11.26 -15.38
CA THR A 81 16.82 12.09 -16.24
C THR A 81 16.97 11.65 -17.68
N GLY A 82 18.09 10.99 -17.97
CA GLY A 82 18.32 10.47 -19.30
C GLY A 82 17.49 9.22 -19.54
N MET A 83 17.47 8.34 -18.55
CA MET A 83 16.76 7.08 -18.68
C MET A 83 15.26 7.28 -18.61
N LEU A 84 14.84 8.37 -17.95
CA LEU A 84 13.43 8.62 -17.76
C LEU A 84 12.78 9.09 -19.05
N VAL A 85 13.61 9.57 -19.98
CA VAL A 85 13.12 10.06 -21.26
C VAL A 85 12.67 8.90 -22.16
N MET A 86 13.09 7.70 -21.81
CA MET A 86 12.73 6.51 -22.57
C MET A 86 11.48 5.85 -22.01
N PHE A 87 10.68 6.68 -21.36
CA PHE A 87 9.53 6.20 -20.66
C PHE A 87 8.59 5.71 -21.70
N ALA A 88 8.57 6.36 -22.84
CA ALA A 88 7.50 6.59 -23.77
C ALA A 88 7.83 5.75 -24.92
N PRO A 89 9.17 5.78 -25.30
CA PRO A 89 9.48 4.89 -26.40
C PRO A 89 9.71 3.46 -26.03
N PHE A 90 9.83 3.20 -24.74
CA PHE A 90 10.48 2.06 -24.18
C PHE A 90 9.46 1.03 -23.81
N PHE A 91 8.30 1.48 -23.34
CA PHE A 91 7.23 0.57 -23.01
C PHE A 91 6.37 0.31 -24.21
N ILE A 92 6.44 1.23 -25.13
CA ILE A 92 5.58 1.18 -26.31
C ILE A 92 6.32 0.35 -27.38
N PHE A 93 7.62 0.55 -27.44
CA PHE A 93 8.56 0.12 -28.45
C PHE A 93 9.19 -1.23 -28.06
N ILE A 94 9.37 -1.45 -26.77
CA ILE A 94 10.35 -2.34 -26.19
C ILE A 94 9.76 -3.23 -25.10
N PHE A 95 9.45 -2.64 -23.95
CA PHE A 95 8.88 -3.39 -22.83
C PHE A 95 7.56 -4.05 -23.23
N GLY A 96 7.00 -3.62 -24.35
CA GLY A 96 5.74 -4.15 -24.84
C GLY A 96 5.93 -5.41 -25.67
N PRO A 97 6.72 -5.26 -26.82
CA PRO A 97 6.86 -6.51 -27.59
C PRO A 97 7.67 -7.73 -27.15
N LEU A 98 8.43 -7.58 -26.07
CA LEU A 98 9.68 -8.24 -25.68
C LEU A 98 9.41 -9.41 -24.75
N LEU A 99 8.28 -9.36 -24.05
CA LEU A 99 7.90 -10.43 -23.12
C LEU A 99 6.67 -11.17 -23.61
N GLN A 100 6.05 -10.67 -24.68
CA GLN A 100 4.86 -11.28 -25.24
C GLN A 100 5.22 -12.38 -26.24
N TYR A 101 5.88 -11.98 -27.33
CA TYR A 101 6.29 -12.94 -28.35
C TYR A 101 7.38 -13.87 -27.84
N ASN A 102 8.30 -13.33 -27.06
CA ASN A 102 9.40 -14.10 -26.50
C ASN A 102 9.25 -14.33 -25.00
N ILE A 103 9.91 -15.36 -24.49
CA ILE A 103 9.85 -15.68 -23.07
C ILE A 103 10.02 -14.42 -22.21
N LEU A 104 9.04 -14.16 -21.35
CA LEU A 104 9.07 -12.99 -20.48
C LEU A 104 10.44 -12.82 -19.83
N VAL A 105 10.98 -13.93 -19.31
CA VAL A 105 12.29 -13.91 -18.67
C VAL A 105 13.26 -13.00 -19.43
N GLY A 106 13.01 -12.82 -20.72
CA GLY A 106 13.86 -11.98 -21.55
C GLY A 106 13.61 -10.51 -21.33
N SER A 107 12.34 -10.11 -21.36
CA SER A 107 11.97 -8.71 -21.17
C SER A 107 12.02 -8.33 -19.69
N ILE A 108 11.89 -9.32 -18.82
CA ILE A 108 11.92 -9.11 -17.38
C ILE A 108 13.18 -8.36 -16.97
N VAL A 109 14.26 -8.59 -17.70
CA VAL A 109 15.53 -7.91 -17.44
C VAL A 109 15.39 -6.43 -17.76
N GLY A 110 14.81 -6.14 -18.93
CA GLY A 110 14.56 -4.76 -19.32
C GLY A 110 13.89 -4.03 -18.18
N GLY A 111 13.22 -4.78 -17.32
CA GLY A 111 12.58 -4.22 -16.15
C GLY A 111 13.59 -3.47 -15.29
N ILE A 112 14.84 -3.90 -15.38
CA ILE A 112 15.92 -3.24 -14.65
C ILE A 112 15.81 -1.73 -14.85
N TYR A 113 15.25 -1.34 -15.98
CA TYR A 113 15.00 0.05 -16.26
C TYR A 113 14.62 0.64 -14.95
N LEU A 114 13.39 0.37 -14.54
CA LEU A 114 12.88 0.84 -13.27
C LEU A 114 13.86 0.67 -12.16
N GLY A 115 14.01 -0.52 -11.66
CA GLY A 115 14.91 -0.62 -10.54
C GLY A 115 15.86 0.55 -10.49
N PHE A 116 16.32 0.98 -11.68
CA PHE A 116 17.28 2.08 -11.80
C PHE A 116 16.64 3.45 -11.60
N CYS A 117 15.58 3.68 -12.36
CA CYS A 117 14.96 5.00 -12.40
C CYS A 117 14.25 5.33 -11.09
N PHE A 118 13.51 4.37 -10.56
CA PHE A 118 12.48 4.65 -9.58
C PHE A 118 12.76 4.08 -8.20
N ASN A 119 12.82 2.75 -8.10
CA ASN A 119 12.99 2.10 -6.81
C ASN A 119 14.30 2.45 -6.13
N ALA A 120 15.34 2.68 -6.94
CA ALA A 120 16.64 3.04 -6.40
C ALA A 120 17.06 4.43 -6.86
N GLY A 121 16.15 5.15 -7.53
CA GLY A 121 16.50 6.44 -8.07
C GLY A 121 15.73 7.59 -7.44
N ALA A 122 14.53 7.30 -6.96
CA ALA A 122 13.73 8.30 -6.25
C ALA A 122 14.42 8.81 -5.00
N PRO A 123 14.98 7.90 -4.20
CA PRO A 123 15.65 8.32 -2.96
C PRO A 123 16.99 8.98 -3.24
N ALA A 124 17.53 8.70 -4.43
CA ALA A 124 18.79 9.31 -4.82
C ALA A 124 18.53 10.73 -5.26
N VAL A 125 17.28 10.98 -5.65
CA VAL A 125 16.85 12.32 -6.01
C VAL A 125 16.53 13.08 -4.73
N GLU A 126 15.91 12.39 -3.77
CA GLU A 126 15.65 12.96 -2.44
C GLU A 126 16.97 13.36 -1.78
N ALA A 127 17.93 12.45 -1.79
CA ALA A 127 19.21 12.67 -1.10
C ALA A 127 20.00 13.80 -1.73
N PHE A 128 20.06 13.80 -3.06
CA PHE A 128 20.77 14.84 -3.76
C PHE A 128 20.15 16.21 -3.54
N ILE A 129 18.84 16.28 -3.63
CA ILE A 129 18.14 17.54 -3.46
C ILE A 129 18.22 17.94 -1.99
N GLU A 130 18.39 16.96 -1.12
CA GLU A 130 18.58 17.22 0.30
C GLU A 130 19.92 17.93 0.54
N LYS A 131 20.99 17.49 -0.14
CA LYS A 131 22.29 18.14 -0.02
C LYS A 131 22.25 19.59 -0.51
N VAL A 132 21.59 19.79 -1.64
CA VAL A 132 21.36 21.12 -2.18
C VAL A 132 20.46 21.93 -1.24
N SER A 133 19.60 21.24 -0.50
CA SER A 133 18.65 21.90 0.39
C SER A 133 19.34 22.63 1.54
N ARG A 134 20.61 22.33 1.78
CA ARG A 134 21.36 23.02 2.82
C ARG A 134 22.64 23.65 2.26
N ARG A 135 22.59 24.02 0.98
CA ARG A 135 23.57 24.92 0.37
C ARG A 135 22.83 26.14 -0.15
N SER A 136 21.54 25.95 -0.44
CA SER A 136 20.62 27.06 -0.62
C SER A 136 19.93 27.34 0.72
N ASN A 137 18.92 28.22 0.70
CA ASN A 137 18.25 28.65 1.93
C ASN A 137 16.79 28.17 2.03
N PHE A 138 16.58 26.86 2.08
CA PHE A 138 15.23 26.30 2.20
C PHE A 138 15.25 24.93 2.85
N GLU A 139 14.07 24.46 3.28
CA GLU A 139 13.95 23.19 3.98
C GLU A 139 13.50 22.06 3.07
N PHE A 140 14.16 20.91 3.21
CA PHE A 140 13.94 19.75 2.36
C PHE A 140 12.47 19.33 2.30
N GLY A 141 11.74 19.56 3.40
CA GLY A 141 10.36 19.14 3.47
C GLY A 141 9.57 20.01 2.52
N ARG A 142 9.94 21.28 2.46
CA ARG A 142 9.46 22.16 1.40
C ARG A 142 10.15 21.71 0.12
N ALA A 143 9.49 21.87 -1.03
CA ALA A 143 10.02 21.43 -2.33
C ALA A 143 9.82 19.93 -2.53
N ARG A 144 9.92 19.17 -1.44
CA ARG A 144 9.71 17.73 -1.50
C ARG A 144 8.20 17.58 -1.48
N MET A 145 7.56 18.60 -0.91
CA MET A 145 6.11 18.69 -0.82
C MET A 145 5.50 18.75 -2.22
N PHE A 146 6.32 19.12 -3.18
CA PHE A 146 5.92 19.16 -4.58
C PHE A 146 5.66 17.74 -5.10
N GLY A 147 6.43 16.79 -4.57
CA GLY A 147 6.28 15.41 -4.99
C GLY A 147 4.87 14.88 -4.82
N CYS A 148 4.24 15.25 -3.71
CA CYS A 148 2.90 14.76 -3.39
C CYS A 148 1.85 15.32 -4.35
N VAL A 149 1.97 16.62 -4.66
CA VAL A 149 1.01 17.26 -5.55
C VAL A 149 1.27 16.86 -7.00
N GLY A 150 2.53 16.65 -7.37
CA GLY A 150 2.85 16.11 -8.68
C GLY A 150 2.36 14.67 -8.80
N TRP A 151 2.39 13.92 -7.72
CA TRP A 151 1.86 12.57 -7.74
C TRP A 151 0.36 12.63 -7.73
N ALA A 152 -0.21 13.62 -7.06
CA ALA A 152 -1.65 13.73 -7.01
C ALA A 152 -2.20 14.10 -8.40
N LEU A 153 -1.53 15.05 -9.06
CA LEU A 153 -1.96 15.54 -10.37
C LEU A 153 -2.00 14.39 -11.38
N CYS A 154 -0.89 13.67 -11.49
CA CYS A 154 -0.83 12.50 -12.34
C CYS A 154 -1.82 11.42 -11.91
N ALA A 155 -2.01 11.30 -10.60
CA ALA A 155 -2.88 10.28 -10.03
C ALA A 155 -4.31 10.40 -10.55
N SER A 156 -4.82 11.62 -10.58
CA SER A 156 -6.14 11.90 -11.11
C SER A 156 -6.22 11.52 -12.58
N ILE A 157 -5.23 11.38 -13.60
CA ILE A 157 -5.11 11.34 -15.06
C ILE A 157 -4.96 9.93 -15.59
N VAL A 158 -4.34 9.03 -14.83
CA VAL A 158 -4.23 7.63 -15.23
C VAL A 158 -5.63 7.04 -15.41
N GLY A 159 -6.51 7.29 -14.46
CA GLY A 159 -7.84 6.71 -14.48
C GLY A 159 -8.69 7.44 -15.50
N ILE A 160 -8.58 8.75 -15.58
CA ILE A 160 -9.49 9.46 -16.49
C ILE A 160 -9.25 9.23 -17.98
N MET A 161 -8.08 9.51 -18.50
CA MET A 161 -7.80 9.12 -19.87
C MET A 161 -7.47 7.64 -19.96
N PHE A 162 -7.30 7.00 -18.80
CA PHE A 162 -6.97 5.58 -18.75
C PHE A 162 -7.98 4.75 -19.54
N THR A 163 -9.05 5.41 -19.99
CA THR A 163 -10.08 4.74 -20.76
C THR A 163 -10.39 5.49 -22.05
N ILE A 164 -9.37 6.11 -22.62
CA ILE A 164 -9.53 6.85 -23.86
C ILE A 164 -8.21 6.94 -24.63
N ASN A 165 -7.10 6.77 -23.92
CA ASN A 165 -5.79 6.82 -24.54
C ASN A 165 -4.67 6.40 -23.59
N ASN A 166 -4.73 5.15 -23.13
CA ASN A 166 -3.73 4.63 -22.25
C ASN A 166 -2.39 4.46 -22.93
N GLN A 167 -1.89 5.54 -23.49
CA GLN A 167 -0.59 5.61 -24.11
C GLN A 167 -0.06 7.04 -23.96
N PHE A 168 -0.97 7.97 -23.66
CA PHE A 168 -0.62 9.36 -23.44
C PHE A 168 -0.09 9.56 -22.03
N VAL A 169 -0.70 8.87 -21.06
CA VAL A 169 -0.23 8.91 -19.68
C VAL A 169 1.27 8.70 -19.67
N PHE A 170 1.69 7.59 -20.30
CA PHE A 170 3.05 7.38 -20.63
C PHE A 170 3.80 8.35 -21.43
N TRP A 171 3.25 8.65 -22.59
CA TRP A 171 3.67 9.77 -23.45
C TRP A 171 3.74 11.10 -22.76
N LEU A 172 2.78 11.38 -21.91
CA LEU A 172 2.84 12.63 -21.14
C LEU A 172 4.01 12.60 -20.17
N GLY A 173 4.24 11.44 -19.56
CA GLY A 173 5.34 11.27 -18.62
C GLY A 173 6.69 11.46 -19.28
N SER A 174 6.85 10.87 -20.45
CA SER A 174 8.10 10.98 -21.20
C SER A 174 8.41 12.43 -21.52
N GLY A 175 7.37 13.21 -21.80
CA GLY A 175 7.54 14.62 -22.11
C GLY A 175 8.07 15.41 -20.93
N CYS A 176 7.59 15.08 -19.74
CA CYS A 176 8.03 15.75 -18.53
C CYS A 176 9.48 15.40 -18.17
N ALA A 177 9.98 14.32 -18.76
CA ALA A 177 11.36 13.90 -18.52
C ALA A 177 12.34 14.90 -19.09
N LEU A 178 12.00 15.49 -20.23
CA LEU A 178 12.87 16.48 -20.86
C LEU A 178 12.69 17.83 -20.16
N ILE A 179 11.47 18.08 -19.64
CA ILE A 179 11.26 19.24 -18.76
C ILE A 179 12.15 19.07 -17.54
N LEU A 180 12.34 17.82 -17.14
CA LEU A 180 13.18 17.48 -16.00
C LEU A 180 14.66 17.69 -16.32
N ALA A 181 15.02 17.46 -17.58
CA ALA A 181 16.38 17.71 -18.03
C ALA A 181 16.66 19.19 -18.02
N VAL A 182 15.65 19.96 -18.45
CA VAL A 182 15.73 21.41 -18.49
C VAL A 182 16.06 21.99 -17.12
N LEU A 183 15.28 21.62 -16.11
CA LEU A 183 15.44 22.19 -14.77
C LEU A 183 16.73 21.74 -14.12
N LEU A 184 17.24 20.58 -14.54
CA LEU A 184 18.49 20.07 -14.01
C LEU A 184 19.65 20.90 -14.54
N PHE A 185 19.55 21.28 -15.81
CA PHE A 185 20.57 22.10 -16.48
C PHE A 185 20.66 23.53 -15.92
N PHE A 186 19.55 24.25 -15.91
CA PHE A 186 19.55 25.66 -15.52
C PHE A 186 19.87 25.90 -14.05
N ALA A 187 19.49 24.98 -13.19
CA ALA A 187 19.84 25.11 -11.78
C ALA A 187 21.36 25.06 -11.61
N LYS A 188 21.87 25.89 -10.71
CA LYS A 188 23.32 26.00 -10.48
C LYS A 188 23.60 25.70 -9.03
N THR A 189 24.53 24.79 -8.76
CA THR A 189 24.74 24.33 -7.39
C THR A 189 26.19 24.03 -7.02
N ASP A 190 26.77 24.92 -6.20
CA ASP A 190 28.11 24.71 -5.65
C ASP A 190 28.22 25.39 -4.28
N ALA A 207 36.23 15.26 1.11
CA ALA A 207 35.20 14.23 1.22
C ALA A 207 35.79 12.89 1.73
N PHE A 208 35.25 11.79 1.22
CA PHE A 208 35.54 10.47 1.79
C PHE A 208 36.33 9.53 0.89
N SER A 209 36.31 8.26 1.26
CA SER A 209 36.67 7.13 0.42
C SER A 209 35.90 5.93 0.94
N LEU A 210 35.75 4.88 0.13
CA LEU A 210 34.84 3.79 0.48
C LEU A 210 35.30 2.96 1.67
N LYS A 211 36.58 3.11 2.05
CA LYS A 211 37.11 2.36 3.17
C LYS A 211 36.74 3.04 4.49
N LEU A 212 36.55 4.35 4.44
CA LEU A 212 35.99 5.09 5.56
C LEU A 212 34.50 4.83 5.67
N ALA A 213 33.87 4.52 4.55
CA ALA A 213 32.45 4.20 4.52
C ALA A 213 32.16 2.91 5.31
N LEU A 214 33.08 1.96 5.21
CA LEU A 214 32.95 0.69 5.91
C LEU A 214 33.01 0.91 7.42
N GLU A 215 33.68 1.98 7.83
CA GLU A 215 33.80 2.29 9.26
C GLU A 215 32.44 2.44 9.93
N LEU A 216 31.48 2.99 9.20
CA LEU A 216 30.13 3.22 9.72
C LEU A 216 29.40 1.93 10.08
N PHE A 217 29.79 0.84 9.43
CA PHE A 217 29.12 -0.43 9.62
C PHE A 217 29.56 -1.14 10.89
N ARG A 218 30.59 -0.59 11.53
CA ARG A 218 31.07 -1.10 12.80
C ARG A 218 30.61 -0.14 13.90
N GLN A 219 30.40 1.12 13.51
CA GLN A 219 29.88 2.11 14.45
C GLN A 219 28.50 1.66 14.92
N PRO A 220 28.29 1.65 16.24
CA PRO A 220 27.09 1.03 16.78
C PRO A 220 25.91 1.98 16.74
N LYS A 221 26.17 3.19 16.24
CA LYS A 221 25.13 4.20 16.08
C LYS A 221 24.32 4.00 14.80
N LEU A 222 24.92 3.29 13.83
CA LEU A 222 24.21 2.89 12.64
C LEU A 222 23.31 1.69 12.89
N TRP A 223 23.73 0.74 13.69
CA TRP A 223 22.92 -0.44 13.87
C TRP A 223 21.63 -0.15 14.60
N PHE A 224 21.61 0.95 15.34
CA PHE A 224 20.41 1.35 16.07
C PHE A 224 19.42 2.02 15.13
N LEU A 225 19.94 2.92 14.28
CA LEU A 225 19.10 3.62 13.31
C LEU A 225 18.48 2.62 12.33
N SER A 226 19.32 1.71 11.82
CA SER A 226 18.84 0.69 10.91
C SER A 226 17.84 -0.22 11.59
N LEU A 227 18.10 -0.54 12.86
CA LEU A 227 17.22 -1.37 13.63
C LEU A 227 15.82 -0.77 13.55
N TYR A 228 15.75 0.55 13.72
CA TYR A 228 14.48 1.26 13.61
C TYR A 228 13.83 1.04 12.26
N VAL A 229 14.63 0.92 11.21
CA VAL A 229 14.08 0.77 9.87
C VAL A 229 13.56 -0.64 9.64
N ILE A 230 14.36 -1.63 10.02
CA ILE A 230 13.93 -3.02 9.94
C ILE A 230 12.69 -3.27 10.81
N GLY A 231 12.64 -2.58 11.94
CA GLY A 231 11.53 -2.74 12.87
C GLY A 231 10.26 -2.01 12.48
N VAL A 232 10.35 -0.69 12.39
CA VAL A 232 9.18 0.17 12.18
C VAL A 232 8.81 0.36 10.73
N SER A 233 9.81 0.64 9.89
CA SER A 233 9.55 1.05 8.52
C SER A 233 9.35 -0.16 7.62
N CYS A 234 10.08 -1.24 7.88
CA CYS A 234 9.89 -2.48 7.15
C CYS A 234 8.52 -3.08 7.43
N THR A 235 8.13 -3.08 8.71
CA THR A 235 6.84 -3.62 9.10
C THR A 235 5.70 -2.78 8.51
N TYR A 236 5.92 -1.48 8.42
CA TYR A 236 4.90 -0.57 7.90
C TYR A 236 4.69 -0.72 6.40
N ASP A 237 5.78 -0.93 5.67
CA ASP A 237 5.69 -0.93 4.23
C ASP A 237 5.23 -2.29 3.69
N VAL A 238 5.27 -3.29 4.55
CA VAL A 238 4.73 -4.61 4.24
C VAL A 238 3.24 -4.64 4.46
N PHE A 239 2.82 -4.16 5.63
CA PHE A 239 1.44 -4.01 5.99
C PHE A 239 0.70 -3.33 4.88
N ASP A 240 1.08 -2.08 4.63
CA ASP A 240 0.44 -1.29 3.58
C ASP A 240 0.50 -2.01 2.23
N GLN A 241 0.65 -3.33 2.28
CA GLN A 241 0.72 -4.13 1.07
C GLN A 241 -0.63 -4.78 0.76
N GLN A 242 -1.25 -5.36 1.79
CA GLN A 242 -2.54 -6.01 1.62
C GLN A 242 -3.68 -5.08 2.01
N PHE A 243 -3.36 -4.05 2.77
CA PHE A 243 -4.37 -3.08 3.21
C PHE A 243 -5.48 -2.95 2.18
N ALA A 244 -5.12 -2.58 0.95
CA ALA A 244 -6.08 -2.41 -0.12
C ALA A 244 -7.07 -3.58 -0.15
N ASN A 245 -6.55 -4.78 0.04
CA ASN A 245 -7.40 -5.90 -0.21
C ASN A 245 -8.28 -5.95 0.95
N PHE A 246 -7.85 -5.29 2.00
CA PHE A 246 -8.66 -5.33 3.21
C PHE A 246 -9.60 -4.12 3.28
N PHE A 247 -9.40 -3.15 2.42
CA PHE A 247 -10.25 -1.99 2.42
C PHE A 247 -11.40 -2.20 1.47
N THR A 248 -11.15 -2.77 0.32
CA THR A 248 -12.20 -3.02 -0.66
C THR A 248 -13.34 -3.83 -0.04
N SER A 249 -12.99 -4.74 0.86
CA SER A 249 -13.98 -5.58 1.51
C SER A 249 -14.92 -4.75 2.37
N PHE A 250 -14.53 -3.52 2.66
CA PHE A 250 -15.35 -2.63 3.45
C PHE A 250 -16.29 -1.76 2.67
N PHE A 251 -16.34 -1.91 1.36
CA PHE A 251 -17.42 -1.31 0.61
C PHE A 251 -18.23 -2.39 -0.08
N ALA A 252 -19.44 -2.05 -0.49
CA ALA A 252 -20.30 -3.00 -1.15
C ALA A 252 -19.56 -3.79 -2.23
N THR A 253 -19.52 -3.25 -3.44
CA THR A 253 -18.88 -3.87 -4.58
C THR A 253 -17.41 -3.51 -4.83
N GLY A 254 -16.60 -4.53 -5.12
CA GLY A 254 -15.19 -4.32 -5.38
C GLY A 254 -14.93 -3.06 -6.19
N GLU A 255 -15.75 -2.75 -7.16
CA GLU A 255 -15.49 -1.54 -7.92
C GLU A 255 -15.87 -0.28 -7.14
N GLN A 256 -17.01 -0.28 -6.45
CA GLN A 256 -17.34 0.88 -5.63
C GLN A 256 -16.33 1.05 -4.49
N GLY A 257 -15.88 -0.08 -3.94
CA GLY A 257 -14.91 -0.06 -2.87
C GLY A 257 -13.59 0.54 -3.29
N THR A 258 -13.04 0.04 -4.40
CA THR A 258 -11.78 0.55 -4.92
C THR A 258 -11.90 2.00 -5.35
N ARG A 259 -13.01 2.34 -6.00
CA ARG A 259 -13.25 3.71 -6.45
C ARG A 259 -13.04 4.70 -5.33
N VAL A 260 -13.52 4.36 -4.15
CA VAL A 260 -13.39 5.23 -2.98
C VAL A 260 -11.93 5.30 -2.52
N PHE A 261 -11.19 4.22 -2.72
CA PHE A 261 -9.79 4.15 -2.32
C PHE A 261 -8.98 5.27 -2.97
N TRP A 262 -8.93 5.32 -4.29
CA TRP A 262 -8.12 6.33 -4.93
C TRP A 262 -8.50 7.70 -4.44
N TYR A 263 -9.78 7.93 -4.26
CA TYR A 263 -10.20 9.22 -3.81
C TYR A 263 -9.48 9.52 -2.50
N VAL A 264 -9.37 8.54 -1.61
CA VAL A 264 -8.65 8.76 -0.37
C VAL A 264 -7.20 9.09 -0.65
N THR A 265 -6.59 8.31 -1.54
CA THR A 265 -5.19 8.50 -1.90
C THR A 265 -4.96 9.87 -2.54
N THR A 266 -5.80 10.21 -3.51
CA THR A 266 -5.69 11.50 -4.18
C THR A 266 -5.83 12.64 -3.18
N MET A 267 -6.90 12.61 -2.40
CA MET A 267 -7.22 13.69 -1.47
C MET A 267 -6.27 13.80 -0.27
N GLY A 268 -5.81 12.66 0.24
CA GLY A 268 -5.03 12.65 1.46
C GLY A 268 -3.57 13.03 1.21
N GLU A 269 -3.17 12.98 -0.04
CA GLU A 269 -1.80 13.38 -0.39
C GLU A 269 -1.66 14.90 -0.39
N LEU A 270 -2.74 15.60 -0.76
CA LEU A 270 -2.76 17.06 -0.65
C LEU A 270 -2.61 17.46 0.82
N LEU A 271 -3.25 16.76 1.72
CA LEU A 271 -3.04 16.99 3.14
C LEU A 271 -1.58 16.69 3.46
N ASN A 272 -1.10 15.59 2.93
CA ASN A 272 0.28 15.21 3.19
C ASN A 272 1.24 16.32 2.77
N ALA A 273 1.01 16.88 1.59
CA ALA A 273 1.82 17.98 1.09
C ALA A 273 1.71 19.18 2.02
N SER A 274 0.49 19.45 2.48
CA SER A 274 0.25 20.54 3.42
C SER A 274 0.90 20.23 4.76
N ILE A 275 0.81 18.97 5.17
CA ILE A 275 1.43 18.53 6.41
C ILE A 275 2.94 18.69 6.34
N MET A 276 3.52 18.32 5.20
CA MET A 276 4.95 18.47 4.97
C MET A 276 5.36 19.94 5.01
N PHE A 277 4.44 20.82 4.63
CA PHE A 277 4.73 22.25 4.56
C PHE A 277 5.17 22.75 5.93
N PHE A 278 4.48 22.39 7.00
CA PHE A 278 4.93 22.83 8.31
C PHE A 278 5.89 21.86 8.89
N ALA A 279 5.96 20.68 8.31
CA ALA A 279 6.81 19.61 8.84
C ALA A 279 8.17 20.09 9.35
N PRO A 280 8.93 20.82 8.52
CA PRO A 280 10.32 21.16 8.85
C PRO A 280 10.45 22.11 10.03
N LEU A 281 9.41 22.89 10.30
CA LEU A 281 9.40 23.76 11.46
C LEU A 281 9.19 22.93 12.71
N ILE A 282 8.19 22.05 12.64
CA ILE A 282 7.93 21.10 13.71
C ILE A 282 9.17 20.24 13.94
N ILE A 283 9.74 19.75 12.84
CA ILE A 283 10.92 18.88 12.89
C ILE A 283 12.16 19.57 13.48
N ASN A 284 12.34 20.86 13.19
CA ASN A 284 13.59 21.52 13.54
C ASN A 284 13.85 21.64 15.04
N ARG A 285 12.78 21.84 15.82
CA ARG A 285 12.89 21.97 17.27
C ARG A 285 12.72 20.69 18.11
N ILE A 286 11.79 19.87 17.66
CA ILE A 286 11.42 18.64 18.32
C ILE A 286 12.69 17.85 18.29
N GLY A 287 13.44 18.05 17.23
CA GLY A 287 14.69 17.33 17.03
C GLY A 287 14.43 16.13 16.17
N GLY A 288 15.51 15.58 15.64
CA GLY A 288 15.42 14.43 14.74
C GLY A 288 14.86 13.15 15.33
N LYS A 289 15.19 12.86 16.57
CA LYS A 289 14.88 11.55 17.12
C LYS A 289 13.37 11.45 17.39
N ASN A 290 12.83 12.47 18.06
CA ASN A 290 11.40 12.57 18.31
C ASN A 290 10.60 12.66 17.02
N ALA A 291 11.26 13.03 15.93
CA ALA A 291 10.62 13.10 14.63
C ALA A 291 10.33 11.69 14.13
N LEU A 292 11.31 10.80 14.31
CA LEU A 292 11.17 9.41 13.91
C LEU A 292 10.28 8.65 14.86
N LEU A 293 10.40 8.96 16.16
CA LEU A 293 9.56 8.33 17.17
C LEU A 293 8.11 8.68 16.90
N LEU A 294 7.86 9.95 16.57
CA LEU A 294 6.51 10.41 16.25
C LEU A 294 5.98 9.76 14.98
N ALA A 295 6.86 9.61 14.00
CA ALA A 295 6.53 8.89 12.77
C ALA A 295 6.22 7.43 13.07
N GLY A 296 7.06 6.82 13.91
CA GLY A 296 6.88 5.45 14.33
C GLY A 296 5.58 5.23 15.08
N THR A 297 5.12 6.26 15.77
CA THR A 297 3.87 6.18 16.52
C THR A 297 2.67 6.18 15.57
N ILE A 298 2.59 7.09 14.65
CA ILE A 298 1.42 7.06 13.81
C ILE A 298 1.39 5.81 12.93
N MET A 299 2.56 5.25 12.64
CA MET A 299 2.62 3.98 11.91
C MET A 299 2.17 2.82 12.80
N SER A 300 2.56 2.88 14.08
CA SER A 300 2.21 1.88 15.07
C SER A 300 0.71 1.90 15.37
N VAL A 301 0.17 3.10 15.53
CA VAL A 301 -1.25 3.26 15.82
C VAL A 301 -2.11 2.80 14.64
N ARG A 302 -1.62 3.06 13.43
CA ARG A 302 -2.33 2.66 12.21
C ARG A 302 -2.31 1.15 12.02
N ILE A 303 -1.25 0.51 12.50
CA ILE A 303 -1.10 -0.93 12.38
C ILE A 303 -2.08 -1.66 13.30
N ILE A 304 -2.15 -1.20 14.54
CA ILE A 304 -3.04 -1.80 15.54
C ILE A 304 -4.49 -1.36 15.32
N GLY A 305 -4.66 -0.15 14.79
CA GLY A 305 -5.98 0.39 14.54
C GLY A 305 -6.70 -0.33 13.43
N SER A 306 -5.96 -0.77 12.42
CA SER A 306 -6.53 -1.48 11.29
C SER A 306 -7.22 -2.77 11.74
N SER A 307 -6.72 -3.35 12.83
CA SER A 307 -7.28 -4.58 13.37
C SER A 307 -8.67 -4.32 13.94
N PHE A 308 -8.88 -3.14 14.46
CA PHE A 308 -10.14 -2.93 15.10
C PHE A 308 -10.90 -2.18 14.06
N ALA A 309 -11.40 -2.89 13.06
CA ALA A 309 -12.17 -2.27 11.99
C ALA A 309 -13.60 -2.79 11.96
N THR A 310 -14.57 -1.88 12.03
CA THR A 310 -15.97 -2.26 12.02
C THR A 310 -16.77 -1.36 11.08
N SER A 311 -16.06 -0.57 10.29
CA SER A 311 -16.71 0.33 9.34
C SER A 311 -15.68 0.99 8.42
N ALA A 312 -16.12 1.40 7.25
CA ALA A 312 -15.24 2.04 6.27
C ALA A 312 -14.77 3.40 6.77
N LEU A 313 -15.72 4.30 7.02
CA LEU A 313 -15.40 5.65 7.50
C LEU A 313 -14.32 5.59 8.47
N GLU A 314 -13.97 4.37 8.82
CA GLU A 314 -12.81 4.11 9.63
C GLU A 314 -11.67 3.74 8.74
N VAL A 315 -11.88 2.83 7.80
CA VAL A 315 -10.81 2.45 6.92
C VAL A 315 -10.40 3.55 5.97
N VAL A 316 -11.18 4.61 5.88
CA VAL A 316 -10.77 5.82 5.19
C VAL A 316 -9.82 6.65 6.04
N ILE A 317 -10.30 7.06 7.20
CA ILE A 317 -9.50 7.80 8.15
C ILE A 317 -8.14 7.17 8.16
N LEU A 318 -8.16 5.88 8.40
CA LEU A 318 -6.94 5.11 8.65
C LEU A 318 -5.92 5.28 7.53
N LYS A 319 -6.41 5.22 6.29
CA LYS A 319 -5.54 5.36 5.12
C LYS A 319 -4.96 6.76 5.07
N THR A 320 -5.69 7.72 5.64
CA THR A 320 -5.24 9.10 5.67
C THR A 320 -4.03 9.26 6.58
N LEU A 321 -4.01 8.58 7.73
CA LEU A 321 -2.89 8.75 8.62
C LEU A 321 -1.60 8.62 7.83
N HIS A 322 -1.59 7.80 6.80
CA HIS A 322 -0.37 7.64 6.01
C HIS A 322 0.26 8.99 5.70
N MET A 323 -0.57 9.99 5.45
CA MET A 323 -0.09 11.33 5.13
C MET A 323 0.38 12.05 6.40
N PHE A 324 0.05 11.49 7.55
CA PHE A 324 0.43 12.08 8.82
C PHE A 324 1.76 11.50 9.31
N GLU A 325 2.23 10.47 8.60
CA GLU A 325 3.45 9.78 8.96
C GLU A 325 4.52 9.93 7.89
N VAL A 326 4.18 10.44 6.71
CA VAL A 326 5.22 10.55 5.74
C VAL A 326 5.99 11.79 6.01
N PRO A 327 5.24 12.88 6.48
CA PRO A 327 6.01 14.12 6.57
C PRO A 327 7.17 13.98 7.50
N PHE A 328 6.90 13.38 8.62
CA PHE A 328 7.88 13.31 9.67
C PHE A 328 8.99 12.38 9.29
N LEU A 329 8.62 11.28 8.69
CA LEU A 329 9.56 10.22 8.37
C LEU A 329 10.60 10.70 7.36
N LEU A 330 10.14 11.12 6.19
CA LEU A 330 11.02 11.61 5.14
C LEU A 330 11.88 12.77 5.64
N VAL A 331 11.22 13.81 6.14
CA VAL A 331 11.92 14.98 6.65
C VAL A 331 12.76 14.61 7.87
N GLY A 332 12.18 13.81 8.76
CA GLY A 332 12.86 13.42 9.99
C GLY A 332 14.14 12.60 9.84
N CYS A 333 14.14 11.66 8.90
CA CYS A 333 15.29 10.77 8.72
C CYS A 333 16.52 11.56 8.27
N PHE A 334 16.31 12.55 7.42
CA PHE A 334 17.41 13.38 6.97
C PHE A 334 17.95 14.23 8.11
N LYS A 335 17.06 14.82 8.90
CA LYS A 335 17.47 15.57 10.08
C LYS A 335 18.23 14.69 11.06
N TYR A 336 17.82 13.43 11.19
CA TYR A 336 18.53 12.47 12.03
C TYR A 336 19.90 12.12 11.47
N ILE A 337 19.94 11.77 10.19
CA ILE A 337 21.16 11.28 9.56
C ILE A 337 22.23 12.38 9.51
N THR A 338 21.79 13.60 9.19
CA THR A 338 22.67 14.76 9.14
C THR A 338 23.12 15.18 10.55
N SER A 339 22.18 15.19 11.49
CA SER A 339 22.48 15.65 12.85
C SER A 339 23.42 14.70 13.59
N GLN A 340 23.18 13.40 13.51
CA GLN A 340 23.91 12.46 14.34
C GLN A 340 25.07 11.79 13.59
N PHE A 341 25.08 11.93 12.27
CA PHE A 341 26.15 11.36 11.48
C PHE A 341 26.86 12.44 10.67
N GLU A 342 28.11 12.18 10.28
CA GLU A 342 28.86 13.08 9.41
C GLU A 342 28.21 13.17 8.02
N VAL A 343 28.15 14.38 7.49
CA VAL A 343 27.39 14.67 6.27
C VAL A 343 28.12 14.10 5.05
N ARG A 344 29.35 13.67 5.27
CA ARG A 344 30.14 13.02 4.23
C ARG A 344 29.60 11.64 3.92
N PHE A 345 28.39 11.36 4.40
CA PHE A 345 27.83 10.02 4.24
C PHE A 345 26.30 10.05 4.24
N SER A 346 25.70 11.22 4.04
CA SER A 346 24.26 11.37 4.17
C SER A 346 23.48 10.54 3.16
N ALA A 347 23.95 10.54 1.90
CA ALA A 347 23.33 9.77 0.84
C ALA A 347 23.50 8.26 1.09
N THR A 348 24.71 7.88 1.45
CA THR A 348 25.02 6.46 1.67
C THR A 348 24.18 5.81 2.76
N ILE A 349 24.14 6.41 3.95
CA ILE A 349 23.49 5.76 5.08
C ILE A 349 21.98 5.96 5.00
N TYR A 350 21.57 6.84 4.10
CA TYR A 350 20.16 6.92 3.72
C TYR A 350 19.80 5.75 2.82
N LEU A 351 20.59 5.55 1.77
CA LEU A 351 20.23 4.58 0.76
C LEU A 351 20.64 3.18 1.20
N VAL A 352 21.31 3.08 2.34
CA VAL A 352 21.60 1.78 2.90
C VAL A 352 20.71 1.42 4.08
N CYS A 353 20.27 2.41 4.85
CA CYS A 353 19.40 2.10 5.99
C CYS A 353 17.91 2.26 5.69
N PHE A 354 17.52 3.42 5.15
CA PHE A 354 16.10 3.71 4.97
C PHE A 354 15.58 3.20 3.62
N CYS A 355 16.47 2.54 2.88
CA CYS A 355 16.11 2.04 1.56
C CYS A 355 16.55 0.60 1.38
N PHE A 356 17.87 0.38 1.46
CA PHE A 356 18.42 -0.97 1.28
C PHE A 356 17.98 -1.94 2.36
N PHE A 357 18.31 -1.61 3.59
CA PHE A 357 17.99 -2.46 4.73
C PHE A 357 16.49 -2.54 4.95
N LYS A 358 15.76 -1.50 4.53
CA LYS A 358 14.31 -1.53 4.55
C LYS A 358 13.78 -2.50 3.49
N GLN A 359 14.44 -2.59 2.36
CA GLN A 359 13.90 -3.48 1.35
C GLN A 359 14.40 -4.87 1.56
N LEU A 360 15.60 -4.99 2.06
CA LEU A 360 16.15 -6.33 2.30
C LEU A 360 15.30 -7.09 3.31
N ALA A 361 14.83 -6.39 4.33
CA ALA A 361 13.99 -7.00 5.35
C ALA A 361 12.55 -7.11 4.86
N MET A 362 12.22 -6.40 3.78
CA MET A 362 10.84 -6.38 3.33
C MET A 362 10.59 -7.57 2.42
N ILE A 363 11.65 -8.32 2.14
CA ILE A 363 11.51 -9.57 1.41
C ILE A 363 10.91 -10.63 2.32
N PHE A 364 11.40 -10.63 3.56
CA PHE A 364 11.17 -11.62 4.62
C PHE A 364 9.90 -11.39 5.39
N MET A 365 9.61 -10.18 5.73
CA MET A 365 8.37 -10.09 6.43
C MET A 365 7.36 -10.49 5.41
N SER A 366 7.36 -9.78 4.30
CA SER A 366 6.23 -9.96 3.40
C SER A 366 5.90 -11.45 3.22
N VAL A 367 6.91 -12.29 3.38
CA VAL A 367 6.63 -13.70 3.43
C VAL A 367 5.76 -13.90 4.65
N LEU A 368 6.33 -13.67 5.80
CA LEU A 368 5.69 -14.00 7.05
C LEU A 368 4.25 -13.59 7.12
N ALA A 369 3.97 -12.33 6.76
CA ALA A 369 2.61 -11.81 6.76
C ALA A 369 1.67 -12.76 6.00
N GLY A 370 2.11 -13.24 4.85
CA GLY A 370 1.32 -14.14 4.05
C GLY A 370 0.87 -15.35 4.84
N ASN A 371 1.82 -16.00 5.50
CA ASN A 371 1.52 -17.19 6.30
C ASN A 371 0.61 -16.87 7.48
N MET A 372 0.80 -15.68 8.06
CA MET A 372 -0.01 -15.25 9.19
C MET A 372 -1.49 -15.16 8.81
N TYR A 373 -1.76 -14.59 7.64
CA TYR A 373 -3.13 -14.45 7.16
C TYR A 373 -3.87 -15.79 7.22
N GLU A 374 -3.37 -16.77 6.47
CA GLU A 374 -3.99 -18.10 6.45
C GLU A 374 -3.88 -18.78 7.81
N SER A 375 -2.92 -18.32 8.61
CA SER A 375 -2.71 -18.87 9.95
C SER A 375 -3.54 -18.13 10.99
N ILE A 376 -3.56 -16.81 10.90
CA ILE A 376 -4.31 -15.98 11.82
C ILE A 376 -5.07 -14.87 11.10
N GLY A 377 -5.56 -15.19 9.91
CA GLY A 377 -6.30 -14.23 9.11
C GLY A 377 -5.64 -12.87 9.08
N PHE A 378 -6.47 -11.83 9.01
CA PHE A 378 -6.01 -10.48 9.04
C PHE A 378 -6.04 -10.07 10.48
N GLN A 379 -7.23 -9.78 10.99
CA GLN A 379 -7.35 -9.23 12.30
C GLN A 379 -6.21 -9.70 13.17
N GLY A 380 -6.02 -11.01 13.23
CA GLY A 380 -5.01 -11.57 14.12
C GLY A 380 -3.60 -11.22 13.68
N ALA A 381 -3.42 -11.01 12.38
CA ALA A 381 -2.11 -10.67 11.84
C ALA A 381 -1.74 -9.22 12.16
N TYR A 382 -2.54 -8.28 11.69
CA TYR A 382 -2.30 -6.89 11.92
C TYR A 382 -2.00 -6.64 13.39
N LEU A 383 -2.84 -7.18 14.26
CA LEU A 383 -2.67 -7.03 15.69
C LEU A 383 -1.20 -7.26 16.09
N VAL A 384 -0.59 -8.28 15.51
CA VAL A 384 0.80 -8.60 15.79
C VAL A 384 1.72 -7.50 15.30
N LEU A 385 1.42 -6.96 14.11
CA LEU A 385 2.22 -5.89 13.54
C LEU A 385 2.30 -4.70 14.48
N GLY A 386 1.18 -4.39 15.14
CA GLY A 386 1.13 -3.28 16.08
C GLY A 386 2.14 -3.43 17.19
N LEU A 387 2.11 -4.58 17.86
CA LEU A 387 3.03 -4.87 18.94
C LEU A 387 4.48 -4.80 18.47
N VAL A 388 4.76 -5.44 17.34
CA VAL A 388 6.10 -5.46 16.77
C VAL A 388 6.52 -4.06 16.34
N ALA A 389 5.63 -3.38 15.63
CA ALA A 389 5.90 -2.01 15.18
C ALA A 389 5.93 -1.05 16.35
N LEU A 390 5.02 -1.24 17.30
CA LEU A 390 4.95 -0.39 18.47
C LEU A 390 6.10 -0.67 19.43
N GLY A 391 6.39 -1.95 19.63
CA GLY A 391 7.47 -2.37 20.51
C GLY A 391 8.80 -1.80 20.08
N PHE A 392 9.10 -1.90 18.79
CA PHE A 392 10.34 -1.36 18.25
C PHE A 392 10.36 0.16 18.35
N THR A 393 9.22 0.78 18.08
CA THR A 393 9.11 2.22 18.16
C THR A 393 9.46 2.66 19.56
N LEU A 394 8.88 1.99 20.55
CA LEU A 394 9.11 2.31 21.96
C LEU A 394 10.56 2.02 22.34
N ILE A 395 11.10 0.92 21.82
CA ILE A 395 12.49 0.55 22.08
C ILE A 395 13.49 1.59 21.54
N SER A 396 13.14 2.28 20.46
CA SER A 396 14.09 3.18 19.81
C SER A 396 14.07 4.57 20.45
N VAL A 397 13.42 4.68 21.59
CA VAL A 397 13.58 5.88 22.40
C VAL A 397 14.89 5.79 23.15
N PHE A 398 15.43 4.58 23.24
CA PHE A 398 16.58 4.28 24.07
C PHE A 398 17.80 3.87 23.22
N THR A 399 17.59 3.03 21.94
CA THR A 399 18.65 2.60 21.04
C THR A 399 19.13 3.76 20.18
N LEU A 400 18.22 4.61 19.76
CA LEU A 400 18.58 5.81 19.01
C LEU A 400 19.25 6.84 19.91
N SER A 401 20.37 7.38 19.47
CA SER A 401 21.08 8.40 20.21
C SER A 401 20.50 9.76 19.86
N GLY A 402 20.45 10.65 20.83
CA GLY A 402 19.86 11.96 20.65
C GLY A 402 18.93 12.32 21.79
N PRO A 403 18.09 13.34 21.59
CA PRO A 403 17.16 13.76 22.64
C PRO A 403 15.78 13.13 22.49
N GLY A 404 15.37 12.33 23.47
CA GLY A 404 14.09 11.65 23.43
C GLY A 404 12.95 12.59 23.77
N PRO A 405 11.75 12.04 24.01
CA PRO A 405 10.56 12.83 24.32
C PRO A 405 10.55 13.26 25.77
N LEU A 406 11.54 12.80 26.51
CA LEU A 406 11.77 13.21 27.90
C LEU A 406 12.13 14.68 28.01
N SER A 407 12.62 15.27 26.91
CA SER A 407 13.07 16.65 26.95
C SER A 407 11.93 17.65 27.09
N LEU A 408 10.84 17.47 26.33
CA LEU A 408 9.69 18.36 26.45
C LEU A 408 8.76 17.90 27.56
N MET B 1 -6.21 -24.06 4.64
CA MET B 1 -6.76 -23.32 5.75
C MET B 1 -7.82 -24.17 6.41
N GLN B 2 -8.72 -24.67 5.61
CA GLN B 2 -9.79 -25.54 6.07
C GLN B 2 -10.37 -25.23 7.44
N VAL B 3 -11.32 -24.32 7.41
CA VAL B 3 -12.36 -24.15 8.39
C VAL B 3 -13.55 -24.56 7.56
N GLN B 4 -14.65 -24.91 8.20
CA GLN B 4 -15.85 -25.28 7.45
C GLN B 4 -17.17 -24.87 8.04
N LEU B 5 -18.09 -24.55 7.15
CA LEU B 5 -19.40 -24.01 7.47
C LEU B 5 -20.53 -24.98 7.21
N VAL B 6 -21.42 -25.06 8.18
CA VAL B 6 -22.53 -26.01 8.17
C VAL B 6 -23.86 -25.28 8.29
N GLU B 7 -24.66 -25.33 7.24
CA GLU B 7 -25.98 -24.71 7.26
C GLU B 7 -27.01 -25.68 7.84
N SER B 8 -28.02 -25.09 8.46
CA SER B 8 -29.17 -25.78 8.94
C SER B 8 -30.27 -24.83 8.64
N GLY B 9 -31.49 -25.31 8.69
CA GLY B 9 -32.63 -24.48 8.38
C GLY B 9 -33.23 -25.01 7.13
N GLY B 10 -34.13 -24.25 6.52
CA GLY B 10 -34.66 -24.64 5.23
C GLY B 10 -35.52 -25.86 5.32
N ARG B 11 -36.56 -25.88 4.52
CA ARG B 11 -37.68 -26.77 4.71
C ARG B 11 -38.58 -26.19 3.69
N LEU B 12 -39.77 -26.75 3.54
CA LEU B 12 -40.79 -26.08 2.77
C LEU B 12 -41.49 -25.10 3.67
N VAL B 13 -41.83 -23.95 3.12
CA VAL B 13 -42.59 -22.98 3.91
C VAL B 13 -43.65 -22.36 3.01
N GLN B 14 -44.77 -21.93 3.58
CA GLN B 14 -45.85 -21.35 2.77
C GLN B 14 -45.65 -19.85 2.55
N ALA B 15 -46.10 -19.35 1.40
CA ALA B 15 -45.98 -17.93 1.09
C ALA B 15 -46.46 -17.07 2.26
N GLY B 16 -45.55 -16.27 2.81
CA GLY B 16 -45.87 -15.40 3.96
C GLY B 16 -45.31 -15.88 5.29
N ASP B 17 -44.87 -17.13 5.34
CA ASP B 17 -44.38 -17.73 6.58
C ASP B 17 -42.95 -17.30 6.95
N SER B 18 -42.42 -17.94 7.98
CA SER B 18 -41.08 -17.66 8.49
C SER B 18 -40.15 -18.87 8.49
N LEU B 19 -38.85 -18.59 8.43
CA LEU B 19 -37.81 -19.59 8.61
C LEU B 19 -36.61 -18.98 9.29
N ARG B 20 -35.84 -19.80 9.97
CA ARG B 20 -34.63 -19.36 10.58
C ARG B 20 -33.49 -20.24 10.11
N LEU B 21 -32.53 -19.68 9.37
CA LEU B 21 -31.32 -20.39 8.96
C LEU B 21 -30.21 -20.14 9.96
N SER B 22 -29.40 -21.16 10.20
CA SER B 22 -28.23 -20.98 11.04
C SER B 22 -27.04 -21.57 10.32
N CYS B 23 -25.84 -21.04 10.58
CA CYS B 23 -24.61 -21.48 9.93
C CYS B 23 -23.53 -21.66 10.98
N ALA B 24 -23.18 -22.88 11.32
CA ALA B 24 -22.12 -23.17 12.29
C ALA B 24 -20.76 -23.26 11.62
N ALA B 25 -19.71 -22.92 12.36
CA ALA B 25 -18.36 -22.97 11.84
C ALA B 25 -17.42 -23.71 12.79
N SER B 26 -17.05 -24.92 12.39
CA SER B 26 -16.22 -25.78 13.21
C SER B 26 -14.89 -25.17 13.65
N GLY B 27 -14.01 -24.93 12.70
CA GLY B 27 -12.70 -24.44 13.03
C GLY B 27 -12.77 -23.08 13.67
N ARG B 28 -13.03 -22.08 12.82
CA ARG B 28 -13.08 -20.65 13.11
C ARG B 28 -12.91 -20.18 14.52
N THR B 29 -12.19 -19.07 14.64
CA THR B 29 -12.13 -18.31 15.88
C THR B 29 -10.94 -17.38 15.82
N PHE B 30 -10.79 -16.70 14.69
CA PHE B 30 -9.74 -15.70 14.62
C PHE B 30 -9.71 -15.07 13.25
N THR B 31 -9.67 -15.97 12.29
CA THR B 31 -9.75 -15.74 10.86
C THR B 31 -11.09 -15.20 10.38
N THR B 32 -11.90 -16.03 9.73
CA THR B 32 -13.12 -15.37 9.28
C THR B 32 -13.32 -14.03 9.95
N TYR B 33 -13.37 -12.97 9.15
CA TYR B 33 -13.56 -11.63 9.67
C TYR B 33 -14.94 -11.18 9.28
N LEU B 34 -15.59 -11.93 8.43
CA LEU B 34 -16.92 -11.52 7.96
C LEU B 34 -17.77 -12.63 7.39
N MET B 35 -19.06 -12.66 7.70
CA MET B 35 -19.94 -13.76 7.33
C MET B 35 -21.06 -13.24 6.43
N GLY B 36 -21.54 -14.08 5.53
CA GLY B 36 -22.60 -13.68 4.63
C GLY B 36 -23.48 -14.83 4.22
N TRP B 37 -24.71 -14.51 3.83
CA TRP B 37 -25.58 -15.47 3.16
C TRP B 37 -25.75 -15.08 1.69
N PHE B 38 -25.68 -16.08 0.83
CA PHE B 38 -25.84 -15.99 -0.62
C PHE B 38 -26.81 -17.09 -1.05
N ARG B 39 -27.65 -16.84 -2.05
CA ARG B 39 -28.61 -17.84 -2.50
C ARG B 39 -28.52 -18.06 -4.01
N GLN B 40 -28.94 -19.24 -4.46
CA GLN B 40 -28.93 -19.56 -5.88
C GLN B 40 -30.13 -20.42 -6.24
N ALA B 41 -30.79 -20.04 -7.32
CA ALA B 41 -31.80 -20.90 -7.96
C ALA B 41 -31.32 -21.62 -9.25
N PRO B 42 -32.15 -21.57 -10.28
CA PRO B 42 -31.71 -21.91 -11.63
C PRO B 42 -31.82 -20.62 -12.39
N GLY B 43 -32.26 -20.66 -13.64
CA GLY B 43 -32.49 -19.47 -14.41
C GLY B 43 -31.37 -18.47 -14.27
N LYS B 44 -31.12 -18.06 -13.02
CA LYS B 44 -30.07 -17.10 -12.74
C LYS B 44 -29.04 -17.64 -11.77
N GLU B 45 -28.22 -16.72 -11.27
CA GLU B 45 -26.93 -17.01 -10.68
C GLU B 45 -26.91 -16.99 -9.19
N ARG B 46 -25.71 -16.98 -8.62
CA ARG B 46 -25.57 -16.70 -7.20
C ARG B 46 -25.95 -15.26 -6.87
N GLU B 47 -26.70 -15.07 -5.80
CA GLU B 47 -27.23 -13.73 -5.53
C GLU B 47 -26.86 -13.44 -4.09
N PHE B 48 -26.32 -12.24 -3.85
CA PHE B 48 -26.00 -11.78 -2.51
C PHE B 48 -27.27 -11.56 -1.70
N VAL B 49 -27.27 -11.99 -0.44
CA VAL B 49 -28.42 -11.79 0.44
C VAL B 49 -28.12 -10.82 1.62
N ALA B 50 -27.20 -11.20 2.50
CA ALA B 50 -26.85 -10.34 3.64
C ALA B 50 -25.41 -10.60 4.10
N ALA B 51 -24.76 -9.58 4.68
CA ALA B 51 -23.41 -9.74 5.24
C ALA B 51 -23.28 -9.15 6.63
N ILE B 52 -22.40 -9.70 7.44
CA ILE B 52 -22.18 -9.10 8.71
C ILE B 52 -20.82 -9.40 9.17
N ARG B 53 -20.27 -8.56 10.04
CA ARG B 53 -18.91 -8.75 10.53
C ARG B 53 -18.92 -9.05 12.03
N TRP B 54 -18.35 -10.20 12.40
CA TRP B 54 -18.29 -10.59 13.78
C TRP B 54 -18.12 -9.38 14.67
N SER B 55 -16.89 -8.91 14.83
CA SER B 55 -16.58 -7.76 15.66
C SER B 55 -17.52 -6.59 15.44
N GLY B 56 -18.51 -6.37 16.30
CA GLY B 56 -19.28 -5.16 16.06
C GLY B 56 -20.70 -5.41 15.54
N GLY B 57 -20.82 -6.37 14.64
CA GLY B 57 -22.12 -6.78 14.10
C GLY B 57 -22.75 -5.90 13.03
N SER B 58 -21.95 -5.10 12.33
CA SER B 58 -22.47 -4.29 11.22
C SER B 58 -23.06 -5.19 10.13
N THR B 59 -24.25 -4.82 9.66
CA THR B 59 -24.98 -5.64 8.70
C THR B 59 -25.23 -4.85 7.40
N TYR B 60 -25.30 -5.60 6.29
CA TYR B 60 -25.64 -5.10 4.95
C TYR B 60 -26.56 -6.07 4.23
N TYR B 61 -27.58 -5.60 3.50
CA TYR B 61 -28.36 -6.53 2.70
C TYR B 61 -28.68 -5.94 1.36
N ALA B 62 -28.54 -6.71 0.31
CA ALA B 62 -28.88 -6.22 -1.00
C ALA B 62 -30.33 -5.88 -0.98
N ASP B 63 -30.65 -4.67 -1.41
CA ASP B 63 -32.02 -4.14 -1.47
C ASP B 63 -33.14 -5.17 -1.52
N SER B 64 -33.18 -5.95 -2.56
CA SER B 64 -34.27 -6.88 -2.75
C SER B 64 -34.75 -7.67 -1.51
N VAL B 65 -34.29 -7.35 -0.30
CA VAL B 65 -34.56 -8.24 0.83
C VAL B 65 -34.57 -7.61 2.21
N LYS B 66 -34.26 -6.35 2.21
CA LYS B 66 -34.28 -5.44 3.32
C LYS B 66 -35.57 -5.60 4.09
N GLY B 67 -35.54 -5.31 5.38
CA GLY B 67 -36.75 -5.33 6.17
C GLY B 67 -37.39 -6.69 6.26
N ARG B 68 -37.12 -7.54 5.28
CA ARG B 68 -37.69 -8.89 5.27
C ARG B 68 -36.78 -9.90 5.95
N PHE B 69 -35.48 -9.74 5.81
CA PHE B 69 -34.52 -10.65 6.38
C PHE B 69 -33.71 -9.99 7.48
N THR B 70 -33.26 -10.76 8.46
CA THR B 70 -32.34 -10.22 9.45
C THR B 70 -31.18 -11.20 9.65
N ILE B 71 -29.98 -10.71 9.43
CA ILE B 71 -28.77 -11.47 9.64
C ILE B 71 -28.22 -11.08 11.02
N SER B 72 -27.92 -12.08 11.83
CA SER B 72 -27.35 -11.82 13.14
C SER B 72 -26.19 -12.76 13.39
N ARG B 73 -25.50 -12.59 14.48
CA ARG B 73 -24.49 -13.55 14.79
C ARG B 73 -24.55 -13.87 16.24
N ASP B 74 -23.67 -14.77 16.63
CA ASP B 74 -23.48 -15.04 18.01
C ASP B 74 -22.20 -15.76 18.00
N ASN B 75 -21.12 -15.02 18.19
CA ASN B 75 -19.80 -15.61 18.21
C ASN B 75 -19.79 -16.78 19.13
N ALA B 76 -19.85 -16.45 20.41
CA ALA B 76 -20.09 -17.35 21.53
C ALA B 76 -20.29 -18.80 21.18
N LYS B 77 -20.94 -19.07 20.07
CA LYS B 77 -21.01 -20.43 19.58
C LYS B 77 -21.09 -20.51 18.07
N ASN B 78 -20.01 -20.05 17.45
CA ASN B 78 -19.73 -20.16 16.04
C ASN B 78 -20.96 -20.28 15.16
N THR B 79 -21.80 -19.26 15.20
CA THR B 79 -23.03 -19.32 14.47
C THR B 79 -23.61 -17.96 14.09
N VAL B 80 -23.92 -17.86 12.83
CA VAL B 80 -24.57 -16.74 12.16
C VAL B 80 -25.98 -17.18 11.72
N TYR B 81 -26.95 -16.28 11.88
CA TYR B 81 -28.34 -16.61 11.56
C TYR B 81 -28.90 -15.76 10.44
N LEU B 82 -29.92 -16.30 9.78
CA LEU B 82 -30.76 -15.48 8.92
C LEU B 82 -32.22 -15.74 9.28
N GLN B 83 -32.84 -14.72 9.88
CA GLN B 83 -34.26 -14.74 10.18
C GLN B 83 -35.03 -14.22 8.98
N MET B 84 -35.74 -15.12 8.31
CA MET B 84 -36.43 -14.80 7.07
C MET B 84 -37.92 -14.73 7.34
N ASN B 85 -38.48 -13.53 7.26
CA ASN B 85 -39.91 -13.30 7.45
C ASN B 85 -40.57 -12.90 6.14
N SER B 86 -41.90 -12.85 6.14
CA SER B 86 -42.66 -12.47 4.96
C SER B 86 -42.13 -13.09 3.66
N LEU B 87 -41.92 -14.41 3.67
CA LEU B 87 -41.41 -15.12 2.51
C LEU B 87 -42.33 -14.97 1.32
N LYS B 88 -41.87 -15.31 0.13
CA LYS B 88 -42.63 -15.09 -1.10
C LYS B 88 -42.47 -16.31 -1.95
N LEU B 89 -42.67 -16.17 -3.25
CA LEU B 89 -42.50 -17.30 -4.12
C LEU B 89 -41.16 -17.28 -4.78
N GLU B 90 -40.63 -16.09 -4.97
CA GLU B 90 -39.35 -15.94 -5.62
C GLU B 90 -38.24 -16.36 -4.70
N ASP B 91 -38.57 -16.50 -3.42
CA ASP B 91 -37.55 -16.64 -2.40
C ASP B 91 -37.01 -18.04 -2.29
N THR B 92 -37.40 -18.86 -3.24
CA THR B 92 -37.01 -20.27 -3.30
C THR B 92 -35.66 -20.45 -3.96
N ALA B 93 -34.72 -21.05 -3.24
CA ALA B 93 -33.37 -21.29 -3.75
C ALA B 93 -32.43 -21.75 -2.65
N VAL B 94 -31.38 -22.46 -3.04
CA VAL B 94 -30.40 -22.96 -2.07
C VAL B 94 -29.65 -21.82 -1.41
N TYR B 95 -29.70 -21.78 -0.08
CA TYR B 95 -29.02 -20.74 0.68
C TYR B 95 -27.65 -21.18 1.20
N TYR B 96 -26.62 -20.36 0.97
CA TYR B 96 -25.26 -20.69 1.38
C TYR B 96 -24.72 -19.63 2.34
N CYS B 97 -23.97 -20.04 3.38
CA CYS B 97 -23.16 -19.07 4.13
C CYS B 97 -21.75 -19.11 3.63
N ALA B 98 -21.07 -17.98 3.76
CA ALA B 98 -19.68 -17.85 3.36
C ALA B 98 -18.93 -16.96 4.36
N ALA B 99 -17.66 -17.25 4.59
CA ALA B 99 -16.84 -16.48 5.51
C ALA B 99 -15.50 -16.10 4.88
N ALA B 100 -15.00 -14.93 5.26
CA ALA B 100 -13.76 -14.40 4.72
C ALA B 100 -12.68 -14.78 5.67
N ALA B 101 -11.44 -14.49 5.32
CA ALA B 101 -10.33 -14.80 6.20
C ALA B 101 -9.01 -14.29 5.69
N ARG B 102 -8.61 -14.69 4.47
CA ARG B 102 -7.31 -14.26 3.92
C ARG B 102 -7.49 -13.35 2.71
N PRO B 103 -6.41 -12.84 2.11
CA PRO B 103 -6.64 -11.95 0.95
C PRO B 103 -6.73 -12.70 -0.36
N SER B 104 -6.27 -12.10 -1.46
CA SER B 104 -6.35 -12.82 -2.74
C SER B 104 -6.24 -11.85 -3.92
N TYR B 105 -5.28 -12.00 -4.83
CA TYR B 105 -4.98 -11.04 -5.92
C TYR B 105 -6.03 -10.71 -7.00
N SER B 106 -6.08 -9.41 -7.35
CA SER B 106 -6.78 -8.90 -8.55
C SER B 106 -7.12 -7.42 -8.41
N GLY B 107 -8.33 -7.02 -8.81
CA GLY B 107 -8.84 -5.67 -8.58
C GLY B 107 -9.79 -5.67 -7.41
N ASP B 108 -9.55 -6.59 -6.47
CA ASP B 108 -10.29 -6.68 -5.22
C ASP B 108 -11.84 -6.70 -5.24
N TYR B 109 -12.35 -7.47 -4.31
CA TYR B 109 -13.78 -7.74 -4.16
C TYR B 109 -14.38 -7.30 -2.84
N GLY B 110 -15.64 -6.88 -2.90
CA GLY B 110 -16.34 -6.27 -1.77
C GLY B 110 -17.32 -7.16 -1.05
N TYR B 111 -18.29 -6.56 -0.36
CA TYR B 111 -19.11 -7.28 0.59
C TYR B 111 -20.42 -7.80 0.04
N THR B 112 -20.45 -7.92 -1.28
CA THR B 112 -21.54 -8.47 -2.09
C THR B 112 -20.99 -9.34 -3.22
N GLU B 113 -19.67 -9.37 -3.34
CA GLU B 113 -18.99 -10.12 -4.37
C GLU B 113 -18.68 -11.50 -3.90
N ALA B 114 -19.32 -12.49 -4.51
CA ALA B 114 -19.18 -13.89 -4.09
C ALA B 114 -17.73 -14.37 -4.06
N LEU B 115 -17.02 -14.06 -5.12
CA LEU B 115 -15.64 -14.46 -5.30
C LEU B 115 -14.77 -13.98 -4.19
N ARG B 116 -15.35 -13.15 -3.33
CA ARG B 116 -14.59 -12.45 -2.31
C ARG B 116 -14.27 -13.33 -1.11
N TYR B 117 -15.21 -14.18 -0.74
CA TYR B 117 -15.05 -15.04 0.43
C TYR B 117 -14.14 -16.20 0.19
N ASP B 118 -13.49 -16.67 1.26
CA ASP B 118 -12.51 -17.71 1.15
C ASP B 118 -13.10 -19.05 1.45
N TYR B 119 -14.35 -19.09 1.91
CA TYR B 119 -14.95 -20.39 2.25
C TYR B 119 -16.45 -20.41 2.01
N TRP B 120 -17.02 -21.62 1.91
CA TRP B 120 -18.47 -21.76 1.73
C TRP B 120 -19.00 -22.98 2.45
N GLY B 121 -20.31 -23.03 2.64
CA GLY B 121 -20.99 -24.21 3.16
C GLY B 121 -21.74 -24.95 2.07
N GLN B 122 -22.10 -26.19 2.35
CA GLN B 122 -22.70 -27.03 1.33
C GLN B 122 -24.02 -26.47 0.88
N GLY B 123 -25.02 -26.48 1.74
CA GLY B 123 -26.32 -25.93 1.38
C GLY B 123 -27.50 -26.43 2.20
N THR B 124 -28.65 -25.80 1.96
CA THR B 124 -29.94 -26.23 2.50
C THR B 124 -31.09 -25.52 1.80
N GLN B 125 -31.74 -26.20 0.86
CA GLN B 125 -32.73 -25.58 0.01
C GLN B 125 -33.94 -24.99 0.72
N VAL B 126 -34.50 -23.95 0.14
CA VAL B 126 -35.64 -23.28 0.73
C VAL B 126 -36.69 -23.09 -0.33
N THR B 127 -37.85 -23.67 -0.08
CA THR B 127 -38.92 -23.57 -1.04
C THR B 127 -40.08 -22.87 -0.43
N VAL B 128 -40.42 -21.76 -1.03
CA VAL B 128 -41.63 -21.00 -0.74
C VAL B 128 -42.73 -21.34 -1.75
N SER B 129 -43.91 -21.67 -1.24
CA SER B 129 -44.99 -22.16 -2.09
C SER B 129 -45.63 -21.09 -2.98
N SER B 130 -45.99 -21.50 -4.17
CA SER B 130 -46.98 -20.77 -4.94
C SER B 130 -48.34 -21.00 -4.29
N HIS B 131 -48.42 -21.98 -3.39
CA HIS B 131 -49.70 -22.45 -2.83
C HIS B 131 -49.56 -22.91 -1.38
N HIS B 132 -50.57 -23.65 -0.92
CA HIS B 132 -50.49 -24.37 0.33
C HIS B 132 -49.88 -23.58 1.47
#